data_1HQW
#
_entry.id   1HQW
#
_cell.length_a   62.630
_cell.length_b   86.570
_cell.length_c   89.290
_cell.angle_alpha   90.00
_cell.angle_beta   90.00
_cell.angle_gamma   90.00
#
_symmetry.space_group_name_H-M   'I 2 2 2'
#
loop_
_entity.id
_entity.type
_entity.pdbx_description
1 polymer 'CONCANAVALIN A'
2 polymer YPY
3 non-polymer 'MANGANESE (II) ION'
4 non-polymer 'CALCIUM ION'
5 non-polymer PENTANEDIAL
6 water water
#
loop_
_entity_poly.entity_id
_entity_poly.type
_entity_poly.pdbx_seq_one_letter_code
_entity_poly.pdbx_strand_id
1 'polypeptide(L)'
;ADTIVAVELDTYPNTDIGDPSYPHIGIDIKSVRSKKTAKWNMQNGKVGTAHIIYNSVDKRLSAVVSYPNADSATVSYDVD
LDNVLPEWVRVGLSASTGLYKETNTILSWSFTSKLKSNSTHETNALHFMFNQFSKDQKDLILQGDATTGTDGNLELTRVS
SNGSPQGSSVGRALFYAPVHIWESSAVVASFEATFTFLIKSPDSHPADGIAFFISNIDSSIPSGSTGRLLGLFPDAN
;
A
2 'polypeptide(L)' YPY B
#
# COMPACT_ATOMS: atom_id res chain seq x y z
N ALA A 1 10.01 16.61 1.43
CA ALA A 1 9.98 15.63 2.54
C ALA A 1 10.00 14.24 1.89
N ASP A 2 9.15 13.33 2.37
CA ASP A 2 9.09 11.99 1.80
C ASP A 2 8.35 12.02 0.47
N THR A 3 8.95 11.46 -0.57
CA THR A 3 8.34 11.41 -1.88
C THR A 3 7.45 10.18 -1.82
N ILE A 4 6.14 10.37 -1.86
CA ILE A 4 5.22 9.25 -1.76
C ILE A 4 4.34 9.03 -2.98
N VAL A 5 4.24 7.77 -3.38
CA VAL A 5 3.40 7.33 -4.49
C VAL A 5 2.74 6.10 -3.88
N ALA A 6 1.42 6.09 -3.78
CA ALA A 6 0.75 4.95 -3.19
C ALA A 6 -0.60 4.61 -3.78
N VAL A 7 -0.98 3.36 -3.62
CA VAL A 7 -2.28 2.87 -4.06
C VAL A 7 -2.97 2.57 -2.72
N GLU A 8 -3.99 3.36 -2.42
CA GLU A 8 -4.74 3.22 -1.18
C GLU A 8 -6.01 2.39 -1.30
N LEU A 9 -6.23 1.57 -0.30
CA LEU A 9 -7.44 0.76 -0.18
C LEU A 9 -8.09 1.54 0.98
N ASP A 10 -8.83 2.59 0.62
CA ASP A 10 -9.47 3.49 1.56
C ASP A 10 -10.85 3.01 1.99
N THR A 11 -10.96 2.53 3.22
CA THR A 11 -12.21 2.01 3.76
C THR A 11 -13.18 3.05 4.29
N TYR A 12 -12.68 4.25 4.60
CA TYR A 12 -13.52 5.31 5.15
C TYR A 12 -13.53 6.58 4.30
N PRO A 13 -14.72 7.04 3.88
CA PRO A 13 -14.96 8.23 3.06
C PRO A 13 -14.92 9.54 3.85
N ASN A 14 -13.82 10.27 3.69
CA ASN A 14 -13.63 11.56 4.35
C ASN A 14 -13.89 12.54 3.22
N THR A 15 -15.17 12.79 2.95
CA THR A 15 -15.59 13.66 1.87
C THR A 15 -14.98 15.05 1.90
N ASP A 16 -14.74 15.58 3.09
CA ASP A 16 -14.12 16.90 3.21
C ASP A 16 -12.74 16.98 2.57
N ILE A 17 -12.03 15.85 2.47
CA ILE A 17 -10.70 15.85 1.86
C ILE A 17 -10.69 15.22 0.46
N GLY A 18 -11.86 15.15 -0.16
CA GLY A 18 -11.93 14.62 -1.52
C GLY A 18 -12.36 13.18 -1.69
N ASP A 19 -12.50 12.42 -0.60
CA ASP A 19 -12.92 11.03 -0.72
C ASP A 19 -14.36 10.97 -1.20
N PRO A 20 -14.65 10.07 -2.15
CA PRO A 20 -16.05 9.98 -2.61
C PRO A 20 -16.89 9.39 -1.45
N SER A 21 -18.20 9.27 -1.62
CA SER A 21 -19.07 8.77 -0.55
C SER A 21 -19.13 7.27 -0.31
N TYR A 22 -18.04 6.55 -0.55
CA TYR A 22 -18.03 5.10 -0.38
C TYR A 22 -16.61 4.56 -0.32
N PRO A 23 -16.46 3.29 0.12
CA PRO A 23 -15.13 2.67 0.19
C PRO A 23 -14.54 2.73 -1.23
N HIS A 24 -13.23 2.83 -1.37
CA HIS A 24 -12.66 2.92 -2.70
C HIS A 24 -11.18 2.73 -2.75
N ILE A 25 -10.68 2.54 -3.97
CA ILE A 25 -9.27 2.38 -4.22
C ILE A 25 -8.86 3.66 -4.96
N GLY A 26 -7.65 4.14 -4.70
CA GLY A 26 -7.22 5.35 -5.36
C GLY A 26 -5.72 5.46 -5.54
N ILE A 27 -5.33 6.20 -6.56
CA ILE A 27 -3.91 6.40 -6.85
C ILE A 27 -3.50 7.77 -6.33
N ASP A 28 -2.69 7.77 -5.29
CA ASP A 28 -2.19 8.99 -4.66
C ASP A 28 -0.77 9.31 -5.10
N ILE A 29 -0.56 10.50 -5.65
CA ILE A 29 0.75 10.93 -6.08
C ILE A 29 1.09 12.14 -5.20
N LYS A 30 1.94 11.93 -4.19
CA LYS A 30 2.36 12.98 -3.26
C LYS A 30 1.28 13.55 -2.34
N SER A 31 0.02 13.17 -2.56
CA SER A 31 -1.08 13.68 -1.72
C SER A 31 -2.14 12.63 -1.42
N VAL A 32 -2.79 12.77 -0.26
CA VAL A 32 -3.85 11.86 0.17
C VAL A 32 -5.11 12.07 -0.69
N ARG A 33 -5.13 13.19 -1.42
CA ARG A 33 -6.24 13.50 -2.28
C ARG A 33 -5.99 12.77 -3.59
N SER A 34 -6.43 11.52 -3.64
CA SER A 34 -6.27 10.66 -4.81
C SER A 34 -6.35 11.40 -6.14
N LYS A 35 -5.43 11.10 -7.05
CA LYS A 35 -5.45 11.70 -8.37
C LYS A 35 -6.53 11.00 -9.20
N LYS A 36 -6.86 9.79 -8.80
CA LYS A 36 -7.87 8.98 -9.51
C LYS A 36 -8.43 7.92 -8.55
N THR A 37 -9.75 7.72 -8.53
CA THR A 37 -10.38 6.73 -7.66
C THR A 37 -11.38 5.82 -8.38
N ALA A 38 -11.76 4.73 -7.73
CA ALA A 38 -12.73 3.78 -8.25
C ALA A 38 -13.47 3.18 -7.06
N LYS A 39 -14.79 3.05 -7.18
CA LYS A 39 -15.60 2.50 -6.09
C LYS A 39 -15.14 1.09 -5.79
N TRP A 40 -15.06 0.76 -4.52
CA TRP A 40 -14.62 -0.55 -4.11
C TRP A 40 -15.66 -1.16 -3.18
N ASN A 41 -16.24 -2.27 -3.63
CA ASN A 41 -17.23 -2.97 -2.84
C ASN A 41 -16.50 -3.82 -1.83
N MET A 42 -16.03 -3.18 -0.76
CA MET A 42 -15.29 -3.87 0.30
C MET A 42 -16.14 -4.90 1.03
N GLN A 43 -15.50 -5.98 1.47
CA GLN A 43 -16.17 -7.05 2.20
C GLN A 43 -15.50 -7.31 3.53
N ASN A 44 -16.12 -6.76 4.58
CA ASN A 44 -15.65 -6.88 5.96
C ASN A 44 -15.48 -8.34 6.37
N GLY A 45 -14.29 -8.69 6.84
CA GLY A 45 -14.02 -10.06 7.26
C GLY A 45 -13.59 -11.04 6.18
N LYS A 46 -13.48 -10.57 4.94
CA LYS A 46 -13.06 -11.45 3.84
C LYS A 46 -11.63 -11.15 3.40
N VAL A 47 -10.91 -12.19 3.01
CA VAL A 47 -9.54 -12.05 2.54
C VAL A 47 -9.56 -11.57 1.10
N GLY A 48 -8.91 -10.45 0.83
CA GLY A 48 -8.87 -9.91 -0.51
C GLY A 48 -7.49 -9.95 -1.13
N THR A 49 -7.41 -9.60 -2.40
CA THR A 49 -6.14 -9.59 -3.12
C THR A 49 -6.03 -8.32 -3.97
N ALA A 50 -4.90 -7.63 -3.86
CA ALA A 50 -4.67 -6.42 -4.64
C ALA A 50 -3.47 -6.61 -5.58
N HIS A 51 -3.62 -6.18 -6.83
CA HIS A 51 -2.56 -6.27 -7.85
C HIS A 51 -2.21 -4.87 -8.33
N ILE A 52 -0.94 -4.47 -8.18
CA ILE A 52 -0.50 -3.15 -8.64
C ILE A 52 0.52 -3.42 -9.74
N ILE A 53 0.39 -2.73 -10.87
CA ILE A 53 1.31 -2.93 -11.98
C ILE A 53 1.73 -1.61 -12.63
N TYR A 54 2.93 -1.60 -13.22
CA TYR A 54 3.45 -0.42 -13.89
C TYR A 54 4.67 -0.75 -14.75
N ASN A 55 4.74 -0.15 -15.92
CA ASN A 55 5.88 -0.33 -16.80
C ASN A 55 6.21 1.03 -17.41
N SER A 56 7.49 1.24 -17.68
CA SER A 56 7.98 2.50 -18.22
C SER A 56 7.58 2.82 -19.65
N VAL A 57 7.12 1.82 -20.39
CA VAL A 57 6.73 2.04 -21.77
C VAL A 57 5.34 2.68 -21.81
N ASP A 58 4.37 2.03 -21.18
CA ASP A 58 2.99 2.54 -21.14
C ASP A 58 2.81 3.70 -20.18
N LYS A 59 3.62 3.74 -19.12
CA LYS A 59 3.56 4.80 -18.13
C LYS A 59 2.18 4.94 -17.49
N ARG A 60 1.67 3.84 -16.96
CA ARG A 60 0.38 3.82 -16.32
C ARG A 60 0.42 2.95 -15.08
N LEU A 61 0.06 3.55 -13.95
CA LEU A 61 0.03 2.84 -12.69
C LEU A 61 -1.41 2.35 -12.56
N SER A 62 -1.56 1.04 -12.48
CA SER A 62 -2.88 0.42 -12.36
C SER A 62 -2.95 -0.50 -11.15
N ALA A 63 -4.16 -0.71 -10.66
CA ALA A 63 -4.39 -1.57 -9.50
C ALA A 63 -5.69 -2.33 -9.70
N VAL A 64 -5.74 -3.56 -9.23
CA VAL A 64 -6.94 -4.39 -9.34
C VAL A 64 -7.15 -5.05 -8.00
N VAL A 65 -8.25 -4.74 -7.35
CA VAL A 65 -8.58 -5.30 -6.05
C VAL A 65 -9.82 -6.18 -6.19
N SER A 66 -9.72 -7.43 -5.78
CA SER A 66 -10.83 -8.36 -5.87
C SER A 66 -10.94 -9.23 -4.62
N TYR A 67 -12.05 -9.94 -4.52
CA TYR A 67 -12.33 -10.87 -3.43
C TYR A 67 -12.86 -12.08 -4.16
N PRO A 68 -12.72 -13.27 -3.56
CA PRO A 68 -13.22 -14.48 -4.23
C PRO A 68 -14.73 -14.42 -4.43
N ASN A 69 -15.18 -14.82 -5.61
CA ASN A 69 -16.62 -14.84 -5.96
C ASN A 69 -17.28 -13.48 -6.18
N ALA A 70 -16.47 -12.42 -6.30
CA ALA A 70 -17.00 -11.08 -6.49
C ALA A 70 -16.29 -10.42 -7.66
N ASP A 71 -16.89 -9.34 -8.17
CA ASP A 71 -16.29 -8.60 -9.27
C ASP A 71 -15.16 -7.73 -8.73
N SER A 72 -14.21 -7.41 -9.59
CA SER A 72 -13.05 -6.61 -9.21
C SER A 72 -13.25 -5.13 -9.36
N ALA A 73 -12.39 -4.37 -8.69
CA ALA A 73 -12.41 -2.92 -8.77
C ALA A 73 -11.07 -2.60 -9.41
N THR A 74 -11.07 -1.71 -10.40
CA THR A 74 -9.85 -1.37 -11.11
C THR A 74 -9.72 0.14 -11.26
N VAL A 75 -8.52 0.66 -11.08
CA VAL A 75 -8.25 2.08 -11.23
C VAL A 75 -6.89 2.25 -11.89
N SER A 76 -6.79 3.20 -12.82
CA SER A 76 -5.55 3.46 -13.55
C SER A 76 -5.27 4.94 -13.62
N TYR A 77 -4.00 5.29 -13.70
CA TYR A 77 -3.60 6.67 -13.79
C TYR A 77 -2.28 6.74 -14.57
N ASP A 78 -2.23 7.62 -15.57
CA ASP A 78 -1.05 7.80 -16.40
C ASP A 78 -0.07 8.68 -15.65
N VAL A 79 1.10 8.12 -15.36
CA VAL A 79 2.12 8.85 -14.62
C VAL A 79 3.50 8.31 -14.94
N ASP A 80 4.40 9.21 -15.32
CA ASP A 80 5.77 8.85 -15.61
C ASP A 80 6.47 8.90 -14.27
N LEU A 81 6.51 7.76 -13.59
CA LEU A 81 7.13 7.65 -12.28
C LEU A 81 8.55 8.21 -12.17
N ASP A 82 9.30 8.19 -13.27
CA ASP A 82 10.66 8.73 -13.28
C ASP A 82 10.63 10.20 -12.90
N ASN A 83 9.56 10.89 -13.28
CA ASN A 83 9.41 12.31 -12.99
C ASN A 83 8.94 12.59 -11.57
N VAL A 84 8.63 11.54 -10.83
CA VAL A 84 8.14 11.72 -9.47
C VAL A 84 9.04 11.12 -8.39
N LEU A 85 9.53 9.92 -8.63
CA LEU A 85 10.36 9.23 -7.66
C LEU A 85 11.85 9.27 -7.92
N PRO A 86 12.64 9.22 -6.84
CA PRO A 86 14.11 9.23 -6.97
C PRO A 86 14.57 7.91 -7.64
N GLU A 87 15.86 7.81 -7.92
CA GLU A 87 16.44 6.63 -8.56
C GLU A 87 16.34 5.37 -7.68
N TRP A 88 16.62 5.54 -6.39
CA TRP A 88 16.56 4.47 -5.42
C TRP A 88 15.40 4.74 -4.49
N VAL A 89 14.55 3.73 -4.31
CA VAL A 89 13.37 3.89 -3.47
C VAL A 89 13.26 2.69 -2.53
N ARG A 90 12.18 2.64 -1.76
CA ARG A 90 11.89 1.52 -0.87
C ARG A 90 10.41 1.28 -1.01
N VAL A 91 10.01 0.01 -1.03
CA VAL A 91 8.61 -0.31 -1.15
C VAL A 91 8.06 -0.83 0.17
N GLY A 92 6.77 -0.65 0.38
CA GLY A 92 6.16 -1.09 1.62
C GLY A 92 4.64 -1.05 1.66
N LEU A 93 4.10 -1.30 2.86
CA LEU A 93 2.67 -1.31 3.13
C LEU A 93 2.42 -0.41 4.34
N SER A 94 1.29 0.29 4.32
CA SER A 94 0.94 1.18 5.40
C SER A 94 -0.52 1.01 5.75
N ALA A 95 -0.89 1.31 6.99
CA ALA A 95 -2.27 1.22 7.43
C ALA A 95 -2.49 2.01 8.71
N SER A 96 -3.71 2.47 8.92
CA SER A 96 -4.03 3.25 10.11
C SER A 96 -5.51 3.12 10.48
N THR A 97 -5.83 3.60 11.69
CA THR A 97 -7.19 3.61 12.23
C THR A 97 -7.33 4.97 12.95
N GLY A 98 -8.53 5.55 12.90
CA GLY A 98 -8.73 6.83 13.55
C GLY A 98 -9.74 6.64 14.67
N LEU A 99 -10.85 7.36 14.62
CA LEU A 99 -11.88 7.20 15.62
C LEU A 99 -12.54 5.85 15.37
N TYR A 100 -12.59 5.45 14.11
CA TYR A 100 -13.15 4.16 13.76
C TYR A 100 -11.95 3.23 13.54
N LYS A 101 -12.16 1.92 13.68
CA LYS A 101 -11.07 0.99 13.53
C LYS A 101 -11.34 -0.21 12.64
N GLU A 102 -10.32 -1.04 12.47
CA GLU A 102 -10.35 -2.26 11.65
C GLU A 102 -8.99 -2.94 11.76
N THR A 103 -8.95 -4.24 11.47
CA THR A 103 -7.68 -4.95 11.47
C THR A 103 -7.09 -4.64 10.10
N ASN A 104 -5.77 -4.61 10.01
CA ASN A 104 -5.10 -4.35 8.75
C ASN A 104 -4.05 -5.44 8.65
N THR A 105 -4.54 -6.64 8.46
CA THR A 105 -3.71 -7.83 8.39
C THR A 105 -3.24 -8.16 7.00
N ILE A 106 -1.95 -8.48 6.89
CA ILE A 106 -1.35 -8.84 5.63
C ILE A 106 -0.95 -10.33 5.79
N LEU A 107 -1.46 -11.16 4.89
CA LEU A 107 -1.19 -12.61 4.91
C LEU A 107 -0.11 -13.06 3.92
N SER A 108 0.14 -12.24 2.91
CA SER A 108 1.17 -12.54 1.90
C SER A 108 1.47 -11.26 1.14
N TRP A 109 2.71 -11.16 0.71
CA TRP A 109 3.18 -9.98 -0.01
C TRP A 109 4.30 -10.37 -0.94
N SER A 110 4.21 -9.95 -2.19
CA SER A 110 5.25 -10.23 -3.17
C SER A 110 5.42 -9.01 -4.03
N PHE A 111 6.66 -8.78 -4.45
CA PHE A 111 7.01 -7.65 -5.29
C PHE A 111 8.07 -8.12 -6.29
N THR A 112 8.11 -7.47 -7.44
CA THR A 112 9.07 -7.82 -8.48
C THR A 112 9.41 -6.61 -9.34
N SER A 113 10.68 -6.21 -9.33
CA SER A 113 11.10 -5.08 -10.15
C SER A 113 12.09 -5.59 -11.19
N LYS A 114 11.92 -5.15 -12.42
CA LYS A 114 12.77 -5.54 -13.52
C LYS A 114 13.25 -4.33 -14.30
N LEU A 115 14.51 -4.37 -14.71
CA LEU A 115 15.14 -3.30 -15.48
C LEU A 115 15.86 -3.99 -16.62
N LYS A 116 15.40 -3.78 -17.85
CA LYS A 116 16.05 -4.40 -18.98
C LYS A 116 16.90 -3.39 -19.71
N SER A 117 18.16 -3.73 -19.90
CA SER A 117 19.12 -2.86 -20.56
C SER A 117 19.08 -3.04 -22.08
N ASN A 118 19.74 -2.16 -22.81
CA ASN A 118 19.80 -2.25 -24.26
C ASN A 118 20.86 -3.27 -24.68
N SER A 119 21.54 -3.84 -23.69
CA SER A 119 22.58 -4.83 -23.93
C SER A 119 21.97 -6.21 -24.16
N THR A 120 22.69 -7.06 -24.88
CA THR A 120 22.23 -8.41 -25.19
C THR A 120 22.16 -9.30 -23.94
N HIS A 121 20.95 -9.69 -23.57
CA HIS A 121 20.71 -10.56 -22.41
C HIS A 121 20.92 -9.90 -21.05
N GLU A 122 20.86 -8.58 -21.00
CA GLU A 122 21.06 -7.86 -19.76
C GLU A 122 19.74 -7.46 -19.10
N THR A 123 19.53 -7.96 -17.89
CA THR A 123 18.33 -7.72 -17.12
C THR A 123 18.63 -7.72 -15.62
N ASN A 124 18.27 -6.65 -14.93
CA ASN A 124 18.47 -6.56 -13.49
C ASN A 124 17.09 -6.76 -12.85
N ALA A 125 17.02 -7.61 -11.82
CA ALA A 125 15.74 -7.88 -11.19
C ALA A 125 15.82 -8.16 -9.70
N LEU A 126 14.71 -7.87 -9.02
CA LEU A 126 14.56 -8.11 -7.60
C LEU A 126 13.17 -8.72 -7.43
N HIS A 127 13.06 -9.69 -6.55
CA HIS A 127 11.78 -10.32 -6.33
C HIS A 127 11.72 -10.92 -4.95
N PHE A 128 10.76 -10.46 -4.15
CA PHE A 128 10.59 -11.04 -2.82
C PHE A 128 9.18 -11.56 -2.72
N MET A 129 9.01 -12.60 -1.91
CA MET A 129 7.71 -13.19 -1.71
C MET A 129 7.59 -13.68 -0.27
N PHE A 130 6.58 -13.18 0.41
CA PHE A 130 6.29 -13.54 1.78
C PHE A 130 4.94 -14.21 1.76
N ASN A 131 4.91 -15.49 2.10
CA ASN A 131 3.66 -16.20 2.15
C ASN A 131 3.38 -16.51 3.61
N GLN A 132 4.24 -15.99 4.48
CA GLN A 132 4.16 -16.19 5.92
C GLN A 132 5.20 -15.29 6.57
N PHE A 133 4.89 -14.73 7.74
CA PHE A 133 5.81 -13.84 8.46
C PHE A 133 6.25 -14.48 9.79
N SER A 134 7.48 -14.18 10.21
CA SER A 134 8.03 -14.73 11.45
C SER A 134 8.11 -13.63 12.47
N LYS A 135 8.24 -13.99 13.74
CA LYS A 135 8.33 -13.00 14.82
C LYS A 135 9.53 -12.08 14.57
N ASP A 136 10.64 -12.66 14.13
CA ASP A 136 11.84 -11.91 13.83
C ASP A 136 12.06 -11.92 12.32
N GLN A 137 11.33 -11.05 11.62
CA GLN A 137 11.46 -10.95 10.18
C GLN A 137 12.52 -9.89 9.91
N LYS A 138 13.78 -10.33 9.90
CA LYS A 138 14.92 -9.44 9.69
C LYS A 138 15.01 -8.67 8.38
N ASP A 139 14.36 -9.17 7.32
CA ASP A 139 14.39 -8.49 6.03
C ASP A 139 13.27 -7.46 5.85
N LEU A 140 12.61 -7.12 6.95
CA LEU A 140 11.52 -6.13 6.97
C LEU A 140 11.83 -5.05 7.98
N ILE A 141 11.40 -3.84 7.65
CA ILE A 141 11.56 -2.69 8.53
C ILE A 141 10.16 -2.38 9.02
N LEU A 142 9.93 -2.56 10.32
CA LEU A 142 8.63 -2.28 10.88
C LEU A 142 8.66 -0.92 11.53
N GLN A 143 7.66 -0.11 11.20
CA GLN A 143 7.55 1.23 11.75
C GLN A 143 6.19 1.37 12.42
N GLY A 144 6.15 2.09 13.54
CA GLY A 144 4.89 2.29 14.23
C GLY A 144 4.44 1.10 15.05
N ASP A 145 3.17 0.74 14.90
CA ASP A 145 2.57 -0.36 15.65
C ASP A 145 2.55 -1.70 14.92
N ALA A 146 3.18 -1.75 13.76
CA ALA A 146 3.23 -2.96 12.95
C ALA A 146 4.01 -4.07 13.63
N THR A 147 3.53 -5.30 13.52
CA THR A 147 4.18 -6.47 14.11
C THR A 147 3.95 -7.66 13.18
N THR A 148 4.81 -8.65 13.29
CA THR A 148 4.72 -9.87 12.50
C THR A 148 4.75 -11.03 13.48
N GLY A 149 4.42 -12.23 13.02
CA GLY A 149 4.47 -13.39 13.89
C GLY A 149 3.13 -13.96 14.31
N THR A 150 2.20 -13.09 14.72
CA THR A 150 0.87 -13.53 15.15
C THR A 150 0.32 -14.45 14.07
N ASP A 151 0.29 -15.75 14.36
CA ASP A 151 -0.12 -16.79 13.41
C ASP A 151 0.39 -16.57 11.99
N GLY A 152 1.65 -16.13 11.92
CA GLY A 152 2.33 -15.90 10.67
C GLY A 152 1.87 -14.75 9.80
N ASN A 153 1.24 -13.75 10.40
CA ASN A 153 0.76 -12.63 9.61
C ASN A 153 1.41 -11.33 10.04
N LEU A 154 1.28 -10.34 9.19
CA LEU A 154 1.81 -9.01 9.45
C LEU A 154 0.62 -8.14 9.86
N GLU A 155 0.61 -7.73 11.13
CA GLU A 155 -0.46 -6.88 11.65
C GLU A 155 0.05 -5.44 11.56
N LEU A 156 -0.46 -4.68 10.61
CA LEU A 156 0.00 -3.30 10.46
C LEU A 156 -0.40 -2.34 11.59
N THR A 157 -1.61 -2.50 12.10
CA THR A 157 -2.06 -1.65 13.18
C THR A 157 -2.34 -2.55 14.39
N ARG A 158 -2.32 -1.95 15.58
CA ARG A 158 -2.54 -2.69 16.83
C ARG A 158 -3.84 -3.47 16.98
N VAL A 159 -3.70 -4.75 17.28
CA VAL A 159 -4.83 -5.65 17.50
C VAL A 159 -4.60 -6.27 18.87
N SER A 160 -5.55 -6.04 19.79
CA SER A 160 -5.44 -6.57 21.15
C SER A 160 -5.42 -8.10 21.15
N SER A 161 -4.94 -8.67 22.24
CA SER A 161 -4.84 -10.12 22.39
C SER A 161 -6.15 -10.88 22.15
N ASN A 162 -7.28 -10.22 22.37
CA ASN A 162 -8.59 -10.84 22.15
C ASN A 162 -9.07 -10.71 20.71
N GLY A 163 -8.23 -10.11 19.86
CA GLY A 163 -8.57 -9.94 18.46
C GLY A 163 -9.26 -8.65 18.04
N SER A 164 -9.39 -7.70 18.96
CA SER A 164 -10.05 -6.45 18.66
C SER A 164 -9.08 -5.37 18.20
N PRO A 165 -9.36 -4.74 17.04
CA PRO A 165 -8.54 -3.68 16.45
C PRO A 165 -8.57 -2.41 17.29
N GLN A 166 -7.43 -1.76 17.40
CA GLN A 166 -7.33 -0.53 18.17
C GLN A 166 -7.36 0.68 17.26
N GLY A 167 -7.94 1.76 17.79
CA GLY A 167 -8.04 2.99 17.04
C GLY A 167 -6.79 3.82 17.22
N SER A 168 -6.64 4.87 16.43
CA SER A 168 -5.49 5.76 16.51
C SER A 168 -4.16 5.02 16.37
N SER A 169 -4.15 3.98 15.53
CA SER A 169 -2.96 3.19 15.30
C SER A 169 -2.42 3.44 13.90
N VAL A 170 -1.10 3.36 13.75
CA VAL A 170 -0.43 3.56 12.47
C VAL A 170 0.80 2.66 12.46
N GLY A 171 1.02 1.96 11.36
CA GLY A 171 2.16 1.07 11.25
C GLY A 171 2.46 0.84 9.78
N ARG A 172 3.74 0.62 9.46
CA ARG A 172 4.16 0.39 8.09
C ARG A 172 5.23 -0.71 8.07
N ALA A 173 5.31 -1.42 6.96
CA ALA A 173 6.28 -2.48 6.78
C ALA A 173 7.02 -2.22 5.47
N LEU A 174 8.33 -2.04 5.52
CA LEU A 174 9.11 -1.79 4.32
C LEU A 174 10.10 -2.91 4.08
N PHE A 175 10.35 -3.22 2.81
CA PHE A 175 11.33 -4.27 2.52
C PHE A 175 12.71 -3.68 2.87
N TYR A 176 13.57 -4.53 3.41
CA TYR A 176 14.91 -4.11 3.85
C TYR A 176 15.81 -3.50 2.78
N ALA A 177 15.83 -4.09 1.60
CA ALA A 177 16.70 -3.60 0.54
C ALA A 177 16.08 -2.54 -0.34
N PRO A 178 16.87 -1.51 -0.70
CA PRO A 178 16.40 -0.41 -1.55
C PRO A 178 16.19 -0.99 -2.94
N VAL A 179 15.24 -0.44 -3.68
CA VAL A 179 14.95 -0.95 -4.99
C VAL A 179 15.38 0.08 -6.01
N HIS A 180 16.02 -0.38 -7.07
CA HIS A 180 16.50 0.50 -8.12
C HIS A 180 15.38 0.59 -9.15
N ILE A 181 14.71 1.74 -9.24
CA ILE A 181 13.61 1.86 -10.19
C ILE A 181 13.94 2.50 -11.52
N TRP A 182 15.09 3.17 -11.60
CA TRP A 182 15.53 3.80 -12.84
C TRP A 182 16.99 3.45 -13.08
N GLU A 183 17.35 3.25 -14.34
CA GLU A 183 18.70 2.90 -14.73
C GLU A 183 18.92 3.66 -16.03
N SER A 184 20.10 4.24 -16.23
CA SER A 184 20.37 5.02 -17.44
C SER A 184 20.43 4.23 -18.74
N SER A 185 20.76 2.95 -18.64
CA SER A 185 20.85 2.10 -19.83
C SER A 185 19.57 1.28 -20.09
N ALA A 186 18.58 1.43 -19.21
CA ALA A 186 17.32 0.67 -19.32
C ALA A 186 16.41 1.08 -20.46
N VAL A 187 15.95 0.10 -21.23
CA VAL A 187 15.05 0.38 -22.34
C VAL A 187 13.62 0.15 -21.85
N VAL A 188 13.48 -0.79 -20.93
CA VAL A 188 12.20 -1.14 -20.32
C VAL A 188 12.43 -1.31 -18.82
N ALA A 189 11.50 -0.78 -18.05
CA ALA A 189 11.56 -0.88 -16.58
C ALA A 189 10.12 -1.13 -16.11
N SER A 190 9.95 -2.00 -15.13
CA SER A 190 8.62 -2.31 -14.63
C SER A 190 8.66 -3.00 -13.28
N PHE A 191 7.54 -2.94 -12.56
CA PHE A 191 7.41 -3.58 -11.25
C PHE A 191 6.02 -4.16 -11.07
N GLU A 192 5.91 -5.20 -10.25
CA GLU A 192 4.62 -5.83 -9.99
C GLU A 192 4.52 -6.12 -8.51
N ALA A 193 3.43 -5.67 -7.89
CA ALA A 193 3.21 -5.89 -6.47
C ALA A 193 1.86 -6.57 -6.24
N THR A 194 1.82 -7.51 -5.30
CA THR A 194 0.60 -8.23 -4.98
C THR A 194 0.55 -8.60 -3.50
N PHE A 195 -0.63 -8.46 -2.90
CA PHE A 195 -0.78 -8.81 -1.50
C PHE A 195 -2.18 -9.20 -1.12
N THR A 196 -2.29 -10.15 -0.20
CA THR A 196 -3.59 -10.57 0.27
C THR A 196 -3.75 -9.90 1.61
N PHE A 197 -4.90 -9.30 1.83
CA PHE A 197 -5.15 -8.59 3.07
C PHE A 197 -6.42 -9.11 3.70
N LEU A 198 -6.69 -8.65 4.91
CA LEU A 198 -7.90 -9.03 5.63
C LEU A 198 -8.37 -7.84 6.48
N ILE A 199 -9.32 -7.07 5.98
CA ILE A 199 -9.85 -5.93 6.72
C ILE A 199 -11.07 -6.45 7.46
N LYS A 200 -11.03 -6.37 8.78
CA LYS A 200 -12.12 -6.86 9.61
C LYS A 200 -12.36 -5.91 10.77
N SER A 201 -13.61 -5.59 11.00
CA SER A 201 -13.99 -4.69 12.06
C SER A 201 -15.33 -5.11 12.63
N PRO A 202 -15.51 -4.97 13.96
CA PRO A 202 -16.79 -5.34 14.56
C PRO A 202 -17.84 -4.26 14.28
N ASP A 203 -17.39 -3.09 13.81
CA ASP A 203 -18.27 -1.97 13.51
C ASP A 203 -18.73 -1.97 12.06
N SER A 204 -19.76 -1.18 11.78
CA SER A 204 -20.33 -1.05 10.46
C SER A 204 -19.60 0.01 9.65
N HIS A 205 -18.72 0.75 10.31
CA HIS A 205 -17.95 1.81 9.65
C HIS A 205 -16.46 1.64 9.94
N PRO A 206 -15.81 0.68 9.27
CA PRO A 206 -14.37 0.48 9.50
C PRO A 206 -13.56 1.65 8.93
N ALA A 207 -12.32 1.77 9.38
CA ALA A 207 -11.42 2.86 8.97
C ALA A 207 -10.02 2.44 9.42
N ASP A 208 -8.97 2.96 8.79
CA ASP A 208 -9.06 3.90 7.68
C ASP A 208 -8.59 3.36 6.33
N GLY A 209 -7.84 2.28 6.33
CA GLY A 209 -7.42 1.71 5.08
C GLY A 209 -6.01 1.18 5.08
N ILE A 210 -5.70 0.50 3.98
CA ILE A 210 -4.39 -0.10 3.76
C ILE A 210 -3.83 0.60 2.51
N ALA A 211 -2.51 0.66 2.40
CA ALA A 211 -1.90 1.29 1.24
C ALA A 211 -0.56 0.69 0.91
N PHE A 212 -0.33 0.43 -0.36
CA PHE A 212 0.96 -0.08 -0.80
C PHE A 212 1.67 1.20 -1.24
N PHE A 213 2.91 1.37 -0.83
CA PHE A 213 3.58 2.59 -1.22
C PHE A 213 5.02 2.42 -1.66
N ILE A 214 5.53 3.47 -2.30
CA ILE A 214 6.90 3.53 -2.79
C ILE A 214 7.39 4.90 -2.33
N SER A 215 8.49 4.92 -1.61
CA SER A 215 9.01 6.18 -1.11
C SER A 215 10.51 6.28 -1.26
N ASN A 216 11.04 7.40 -0.79
CA ASN A 216 12.47 7.63 -0.78
C ASN A 216 12.98 6.64 0.30
N ILE A 217 14.20 6.16 0.13
CA ILE A 217 14.77 5.17 1.04
C ILE A 217 14.66 5.39 2.55
N ASP A 218 14.84 6.62 3.01
CA ASP A 218 14.78 6.90 4.45
C ASP A 218 13.42 7.39 4.91
N SER A 219 12.36 6.77 4.41
CA SER A 219 11.03 7.20 4.80
C SER A 219 10.60 6.66 6.15
N SER A 220 9.86 7.49 6.89
CA SER A 220 9.35 7.12 8.20
C SER A 220 7.96 7.72 8.38
N ILE A 221 7.20 7.21 9.36
CA ILE A 221 5.84 7.69 9.61
C ILE A 221 5.75 9.16 9.99
N PRO A 222 5.01 9.95 9.20
CA PRO A 222 4.84 11.38 9.48
C PRO A 222 4.09 11.53 10.79
N SER A 223 4.24 12.67 11.45
CA SER A 223 3.56 12.89 12.73
C SER A 223 2.05 13.06 12.59
N GLY A 224 1.32 12.35 13.44
CA GLY A 224 -0.13 12.44 13.42
C GLY A 224 -0.75 11.99 12.13
N SER A 225 -0.13 11.01 11.46
CA SER A 225 -0.65 10.50 10.21
C SER A 225 -1.57 9.31 10.46
N THR A 226 -2.18 9.27 11.65
CA THR A 226 -3.10 8.19 11.97
C THR A 226 -4.37 8.53 11.22
N GLY A 227 -5.38 7.68 11.34
CA GLY A 227 -6.64 7.97 10.68
C GLY A 227 -6.62 8.13 9.18
N ARG A 228 -7.31 9.17 8.72
CA ARG A 228 -7.47 9.46 7.29
C ARG A 228 -6.22 9.59 6.43
N LEU A 229 -5.09 9.96 7.03
CA LEU A 229 -3.83 10.16 6.30
C LEU A 229 -3.03 8.88 6.08
N LEU A 230 -3.59 7.75 6.49
CA LEU A 230 -3.02 6.41 6.31
C LEU A 230 -1.55 6.18 6.66
N GLY A 231 -0.96 7.05 7.46
CA GLY A 231 0.43 6.87 7.81
C GLY A 231 1.40 7.22 6.70
N LEU A 232 0.90 7.83 5.63
CA LEU A 232 1.73 8.20 4.50
C LEU A 232 2.00 9.68 4.40
N PHE A 233 0.95 10.48 4.60
CA PHE A 233 1.07 11.93 4.48
C PHE A 233 1.01 12.67 5.80
N PRO A 234 1.66 13.85 5.87
CA PRO A 234 1.69 14.69 7.08
C PRO A 234 0.46 15.60 7.23
N ASP A 235 -0.17 15.94 6.11
CA ASP A 235 -1.34 16.81 6.12
C ASP A 235 -2.29 16.42 5.01
N ALA A 236 -3.43 17.09 4.96
CA ALA A 236 -4.44 16.79 3.94
C ALA A 236 -4.42 17.70 2.73
N ASN A 237 -3.23 18.14 2.32
CA ASN A 237 -3.10 19.01 1.14
C ASN A 237 -2.82 18.14 -0.07
N TYR B 1 -20.21 14.91 3.49
CA TYR B 1 -21.35 14.81 2.54
C TYR B 1 -21.66 13.32 2.46
N PRO B 2 -22.11 12.73 3.59
CA PRO B 2 -22.47 11.33 3.83
C PRO B 2 -23.43 10.62 2.89
N TYR B 3 -22.85 9.90 1.93
CA TYR B 3 -23.57 9.09 0.95
C TYR B 3 -24.57 9.87 0.11
#